data_1S9K
#
_entry.id   1S9K
#
_cell.length_a   64.769
_cell.length_b   86.260
_cell.length_c   84.044
_cell.angle_alpha   90.00
_cell.angle_beta   111.24
_cell.angle_gamma   90.00
#
_symmetry.space_group_name_H-M   'P 1 21 1'
#
loop_
_entity.id
_entity.type
_entity.pdbx_description
1 polymer 'Human IL-2 ARRE1 Promoter Element, Plus Strand'
2 polymer 'Human IL-2 ARRE1 Promoter Element, Minus Strand'
3 polymer 'Nuclear factor of activated T-cells, cytoplasmic 2'
4 polymer 'Proto-oncogene protein c-fos'
5 polymer 'Transcription factor AP-1'
#
loop_
_entity_poly.entity_id
_entity_poly.type
_entity_poly.pdbx_seq_one_letter_code
_entity_poly.pdbx_strand_id
1 'polydeoxyribonucleotide' (DT)(DT)(DT)(DG)(DA)(DA)(DA)(DA)(DT)(DA)(DT)(DG)(DT)(DG)(DT)(DA)(DA)(DT)(DA)(DG) A
2 'polydeoxyribonucleotide' (DA)(DA)(DC)(DT)(DA)(DT)(DT)(DA)(DC)(DA)(DC)(DA)(DT)(DA)(DT)(DT)(DT)(DT)(DC)(DA) B
3 'polypeptide(L)'
;WPLSSQSGSYELRIEVQPKPHHRAHYETEGSRGAVKAPTGGHPVVQLHGYMENKPLGLQIFIGTADERILKPHAFYQVHR
ITGKTVTTTSYEKIVGNTKVLEIPLEPKNNMRATIDCAGILKLRNADIELRKGETDIGRKNTRVRLVFRVHIPESSGRIV
SLQTASNPIECSQRSAHELPMVERQDTDSCLVYGGQQMILTGQNFTSESKVVFTEKTTDGQQIWEMEATVDKDKSQPNML
FVEIPEYRNKHIRTPVKVNFYVINGKRKRSQPQHFTYHPV
;
C
4 'polypeptide(L)' RRIRRERNKMAAAKCRNRRRELTDTLQAETDQLEDEKSALQTEIANLLKEKEK D
5 'polypeptide(L)' RKRMRNRIAASKCRKRKLERIARLEEKVKTLKAQNSELASTANMLREQVAQL E
#
loop_
_chem_comp.id
_chem_comp.type
_chem_comp.name
_chem_comp.formula
DA DNA linking 2'-DEOXYADENOSINE-5'-MONOPHOSPHATE 'C10 H14 N5 O6 P'
DC DNA linking 2'-DEOXYCYTIDINE-5'-MONOPHOSPHATE 'C9 H14 N3 O7 P'
DG DNA linking 2'-DEOXYGUANOSINE-5'-MONOPHOSPHATE 'C10 H14 N5 O7 P'
DT DNA linking THYMIDINE-5'-MONOPHOSPHATE 'C10 H15 N2 O8 P'
#
# COMPACT_ATOMS: atom_id res chain seq x y z
N TRP C 1 -15.16 -4.20 -3.05
CA TRP C 1 -15.45 -3.52 -1.75
C TRP C 1 -14.15 -3.08 -1.06
N PRO C 2 -14.17 -1.89 -0.43
CA PRO C 2 -13.02 -1.36 0.31
C PRO C 2 -13.22 -1.98 1.74
N LEU C 3 -14.28 -2.80 1.88
CA LEU C 3 -14.59 -3.49 3.13
C LEU C 3 -13.60 -4.63 3.32
N SER C 4 -12.99 -4.69 4.50
CA SER C 4 -12.01 -5.73 4.79
C SER C 4 -12.47 -7.15 4.55
N SER C 5 -11.48 -8.04 4.44
CA SER C 5 -11.69 -9.47 4.25
C SER C 5 -10.39 -10.18 4.67
N GLN C 6 -10.40 -11.51 4.69
CA GLN C 6 -9.23 -12.28 5.13
C GLN C 6 -8.77 -13.44 4.24
N SER C 7 -7.64 -14.05 4.63
CA SER C 7 -7.06 -15.19 3.92
C SER C 7 -8.06 -16.33 4.04
N GLY C 8 -8.96 -16.21 5.01
CA GLY C 8 -10.01 -17.21 5.21
C GLY C 8 -9.88 -18.34 6.21
N SER C 9 -10.96 -19.14 6.27
CA SER C 9 -11.05 -20.30 7.14
C SER C 9 -10.55 -21.51 6.33
N TYR C 10 -10.34 -21.27 5.04
CA TYR C 10 -9.77 -22.24 4.10
C TYR C 10 -8.48 -21.47 3.84
N GLU C 11 -8.26 -21.10 2.57
CA GLU C 11 -7.09 -20.30 2.22
C GLU C 11 -6.86 -20.06 0.74
N LEU C 12 -6.78 -18.77 0.39
CA LEU C 12 -6.49 -18.34 -0.96
C LEU C 12 -5.09 -17.77 -0.81
N ARG C 13 -4.11 -18.39 -1.46
CA ARG C 13 -2.72 -17.93 -1.36
C ARG C 13 -2.12 -17.65 -2.74
N ILE C 14 -1.14 -16.77 -2.77
CA ILE C 14 -0.46 -16.43 -4.02
C ILE C 14 0.78 -17.29 -4.10
N GLU C 15 0.74 -18.30 -4.97
CA GLU C 15 1.85 -19.23 -5.14
C GLU C 15 3.04 -18.64 -5.90
N VAL C 16 2.78 -17.69 -6.78
CA VAL C 16 3.82 -17.05 -7.58
C VAL C 16 3.59 -15.55 -7.65
N GLN C 17 4.43 -14.79 -6.96
CA GLN C 17 4.30 -13.33 -6.93
C GLN C 17 4.69 -12.66 -8.24
N PRO C 18 4.32 -11.38 -8.40
CA PRO C 18 4.65 -10.65 -9.62
C PRO C 18 6.06 -10.04 -9.51
N LYS C 19 6.56 -9.49 -10.60
CA LYS C 19 7.87 -8.88 -10.61
C LYS C 19 7.72 -7.54 -9.88
N PRO C 20 8.77 -7.09 -9.16
CA PRO C 20 8.71 -5.83 -8.43
C PRO C 20 8.36 -4.59 -9.24
N HIS C 21 8.66 -4.61 -10.54
CA HIS C 21 8.35 -3.48 -11.41
C HIS C 21 7.45 -3.95 -12.53
N HIS C 22 6.69 -3.02 -13.10
CA HIS C 22 5.79 -3.32 -14.23
C HIS C 22 5.31 -2.00 -14.78
N ARG C 23 6.09 -1.43 -15.68
CA ARG C 23 5.72 -0.16 -16.27
C ARG C 23 4.34 -0.36 -16.87
N ALA C 24 3.34 0.30 -16.30
CA ALA C 24 1.98 0.18 -16.82
C ALA C 24 1.87 1.12 -17.99
N HIS C 25 0.75 1.08 -18.69
CA HIS C 25 0.60 1.97 -19.83
C HIS C 25 -0.60 2.89 -19.73
N TYR C 26 -0.55 4.02 -20.44
CA TYR C 26 -1.67 4.99 -20.44
C TYR C 26 -2.68 4.66 -21.55
N GLU C 27 -3.71 5.48 -21.67
CA GLU C 27 -4.71 5.28 -22.70
C GLU C 27 -4.10 5.74 -24.01
N THR C 28 -3.19 6.70 -23.92
CA THR C 28 -2.49 7.22 -25.07
C THR C 28 -1.36 6.31 -25.54
N GLU C 29 -1.38 5.04 -25.17
CA GLU C 29 -0.29 4.16 -25.55
C GLU C 29 -0.71 2.78 -26.02
N GLY C 30 0.26 2.10 -26.64
CA GLY C 30 0.01 0.71 -27.07
C GLY C 30 0.01 -0.13 -25.80
N SER C 31 -0.95 -0.99 -25.57
CA SER C 31 -0.95 -1.73 -24.36
C SER C 31 0.32 -2.59 -24.15
N ARG C 32 0.71 -2.79 -22.86
CA ARG C 32 1.89 -3.63 -22.44
C ARG C 32 1.33 -5.05 -22.14
N GLY C 33 2.18 -6.08 -22.08
CA GLY C 33 1.72 -7.41 -21.83
C GLY C 33 1.35 -7.39 -20.40
N ALA C 34 0.47 -8.29 -20.07
CA ALA C 34 0.06 -8.42 -18.68
C ALA C 34 1.16 -8.77 -17.65
N VAL C 35 1.06 -8.30 -16.42
CA VAL C 35 2.06 -8.69 -15.43
C VAL C 35 2.69 -10.12 -15.46
N LYS C 36 4.02 -10.20 -15.31
CA LYS C 36 4.78 -11.45 -15.32
C LYS C 36 5.47 -11.73 -13.98
N ALA C 37 6.06 -12.91 -13.86
CA ALA C 37 6.74 -13.32 -12.64
C ALA C 37 8.26 -13.13 -12.82
N PRO C 38 9.02 -13.14 -11.71
CA PRO C 38 10.47 -12.95 -11.81
C PRO C 38 11.18 -14.02 -12.63
N THR C 39 10.53 -15.17 -12.78
CA THR C 39 11.10 -16.30 -13.52
C THR C 39 10.79 -16.25 -15.02
N GLY C 40 10.03 -15.24 -15.41
CA GLY C 40 9.67 -15.13 -16.81
C GLY C 40 8.32 -15.77 -16.97
N GLY C 41 7.92 -16.57 -16.00
CA GLY C 41 6.61 -17.21 -16.08
C GLY C 41 5.50 -16.21 -15.84
N HIS C 42 4.56 -16.56 -14.96
CA HIS C 42 3.44 -15.67 -14.66
C HIS C 42 3.00 -15.81 -13.20
N PRO C 43 2.23 -14.82 -12.70
CA PRO C 43 1.79 -14.90 -11.30
C PRO C 43 0.79 -16.03 -11.12
N VAL C 44 0.80 -16.66 -9.96
CA VAL C 44 -0.09 -17.78 -9.67
C VAL C 44 -0.74 -17.78 -8.28
N VAL C 45 -2.07 -17.90 -8.25
CA VAL C 45 -2.83 -17.95 -6.99
C VAL C 45 -3.82 -19.10 -7.01
N GLN C 46 -3.91 -19.85 -5.92
CA GLN C 46 -4.85 -20.95 -5.88
C GLN C 46 -5.58 -21.07 -4.54
N LEU C 47 -6.67 -21.84 -4.55
CA LEU C 47 -7.47 -22.04 -3.35
C LEU C 47 -7.21 -23.41 -2.75
N HIS C 48 -6.64 -23.42 -1.56
CA HIS C 48 -6.33 -24.65 -0.84
C HIS C 48 -7.56 -25.03 -0.03
N GLY C 49 -7.78 -26.33 0.15
CA GLY C 49 -8.90 -26.80 0.95
C GLY C 49 -10.28 -26.74 0.32
N TYR C 50 -10.36 -26.84 -1.00
CA TYR C 50 -11.66 -26.79 -1.63
C TYR C 50 -12.07 -28.19 -2.06
N MET C 51 -12.57 -28.95 -1.09
CA MET C 51 -13.02 -30.33 -1.33
C MET C 51 -14.45 -30.27 -1.84
N GLU C 52 -14.60 -29.82 -3.08
CA GLU C 52 -15.89 -29.69 -3.73
C GLU C 52 -15.60 -29.80 -5.21
N ASN C 53 -16.64 -29.84 -6.05
CA ASN C 53 -16.39 -29.94 -7.48
C ASN C 53 -17.29 -29.09 -8.36
N LYS C 54 -17.04 -27.78 -8.30
CA LYS C 54 -17.76 -26.78 -9.09
C LYS C 54 -16.86 -25.57 -9.28
N PRO C 55 -16.75 -25.08 -10.52
CA PRO C 55 -15.89 -23.91 -10.78
C PRO C 55 -16.42 -22.61 -10.17
N LEU C 56 -15.51 -21.85 -9.59
CA LEU C 56 -15.86 -20.57 -8.99
C LEU C 56 -15.29 -19.46 -9.83
N GLY C 57 -15.43 -18.24 -9.34
CA GLY C 57 -14.92 -17.12 -10.08
C GLY C 57 -13.89 -16.34 -9.29
N LEU C 58 -12.62 -16.44 -9.68
CA LEU C 58 -11.59 -15.70 -8.98
C LEU C 58 -11.57 -14.33 -9.66
N GLN C 59 -11.66 -13.27 -8.86
CA GLN C 59 -11.65 -11.93 -9.42
C GLN C 59 -10.42 -11.17 -8.94
N ILE C 60 -9.88 -10.35 -9.83
CA ILE C 60 -8.68 -9.58 -9.54
C ILE C 60 -8.94 -8.12 -9.85
N PHE C 61 -8.26 -7.25 -9.15
CA PHE C 61 -8.41 -5.82 -9.38
C PHE C 61 -7.18 -5.21 -8.78
N ILE C 62 -6.76 -4.05 -9.30
CA ILE C 62 -5.57 -3.39 -8.81
C ILE C 62 -5.78 -2.59 -7.56
N GLY C 63 -5.21 -3.10 -6.47
CA GLY C 63 -5.32 -2.43 -5.20
C GLY C 63 -4.15 -1.51 -4.91
N THR C 64 -4.25 -0.84 -3.78
CA THR C 64 -3.25 0.10 -3.30
C THR C 64 -2.12 -0.71 -2.69
N ALA C 65 -0.98 -0.05 -2.45
CA ALA C 65 0.16 -0.67 -1.79
C ALA C 65 0.62 0.32 -0.70
N ASP C 66 1.91 0.66 -0.68
CA ASP C 66 2.41 1.56 0.34
C ASP C 66 1.98 1.06 1.73
N GLU C 67 2.13 1.88 2.78
CA GLU C 67 1.74 1.42 4.11
C GLU C 67 0.37 1.83 4.57
N ARG C 68 -0.60 1.74 3.66
CA ARG C 68 -1.95 2.13 3.99
C ARG C 68 -2.81 0.90 4.05
N ILE C 69 -4.11 1.12 4.26
CA ILE C 69 -5.06 0.03 4.30
C ILE C 69 -5.38 -0.32 2.87
N LEU C 70 -5.49 -1.61 2.58
CA LEU C 70 -5.78 -2.04 1.24
C LEU C 70 -7.04 -1.33 0.75
N LYS C 71 -6.98 -0.76 -0.45
CA LYS C 71 -8.09 -0.04 -1.06
C LYS C 71 -7.92 -0.10 -2.57
N PRO C 72 -9.01 -0.23 -3.35
CA PRO C 72 -8.79 -0.26 -4.79
C PRO C 72 -8.05 1.03 -5.16
N HIS C 73 -7.01 0.89 -5.99
CA HIS C 73 -6.19 2.02 -6.40
C HIS C 73 -6.87 2.87 -7.45
N ALA C 74 -7.04 4.14 -7.15
CA ALA C 74 -7.73 5.02 -8.07
C ALA C 74 -6.97 5.48 -9.31
N PHE C 75 -5.65 5.45 -9.27
CA PHE C 75 -4.89 5.90 -10.42
C PHE C 75 -4.49 4.78 -11.39
N TYR C 76 -4.91 3.55 -11.07
CA TYR C 76 -4.61 2.39 -11.91
C TYR C 76 -5.80 1.46 -12.01
N GLN C 77 -5.92 0.78 -13.15
CA GLN C 77 -7.02 -0.16 -13.36
C GLN C 77 -6.52 -1.43 -14.01
N VAL C 78 -7.10 -2.58 -13.68
CA VAL C 78 -6.67 -3.80 -14.32
C VAL C 78 -7.00 -3.64 -15.78
N HIS C 79 -6.26 -4.36 -16.63
CA HIS C 79 -6.46 -4.30 -18.08
C HIS C 79 -6.44 -5.73 -18.55
N ARG C 80 -7.41 -6.10 -19.38
CA ARG C 80 -7.42 -7.47 -19.87
C ARG C 80 -6.40 -7.54 -20.98
N ILE C 81 -5.33 -8.30 -20.76
CA ILE C 81 -4.30 -8.44 -21.77
C ILE C 81 -4.84 -9.31 -22.91
N THR C 82 -4.39 -8.97 -24.13
CA THR C 82 -4.79 -9.61 -25.38
C THR C 82 -4.76 -11.13 -25.47
N GLY C 83 -3.60 -11.70 -25.82
CA GLY C 83 -3.49 -13.14 -25.94
C GLY C 83 -2.11 -13.76 -25.79
N LYS C 84 -2.07 -15.09 -25.74
CA LYS C 84 -0.81 -15.81 -25.60
C LYS C 84 -0.77 -16.87 -26.70
N THR C 85 0.39 -17.49 -26.86
CA THR C 85 0.63 -18.54 -27.85
C THR C 85 -0.42 -19.63 -27.65
N VAL C 86 -0.91 -19.73 -26.41
CA VAL C 86 -1.94 -20.67 -26.04
C VAL C 86 -2.92 -19.90 -25.17
N THR C 87 -4.18 -19.84 -25.57
CA THR C 87 -5.19 -19.14 -24.78
C THR C 87 -5.11 -19.71 -23.37
N THR C 88 -4.40 -19.02 -22.48
CA THR C 88 -4.22 -19.53 -21.12
C THR C 88 -5.47 -19.40 -20.25
N THR C 89 -5.85 -18.16 -19.96
CA THR C 89 -7.01 -17.91 -19.11
C THR C 89 -8.00 -16.98 -19.76
N SER C 90 -9.29 -17.27 -19.61
CA SER C 90 -10.34 -16.41 -20.16
C SER C 90 -10.64 -15.31 -19.14
N TYR C 91 -11.33 -14.26 -19.56
CA TYR C 91 -11.61 -13.16 -18.63
C TYR C 91 -13.04 -12.61 -18.74
N GLU C 92 -13.40 -11.75 -17.80
CA GLU C 92 -14.72 -11.09 -17.74
C GLU C 92 -14.44 -9.75 -17.08
N LYS C 93 -14.81 -8.65 -17.73
CA LYS C 93 -14.54 -7.33 -17.18
C LYS C 93 -15.80 -6.56 -16.71
N ILE C 94 -15.77 -6.03 -15.48
CA ILE C 94 -16.89 -5.25 -14.91
C ILE C 94 -16.43 -4.00 -14.15
N VAL C 95 -17.34 -3.35 -13.41
CA VAL C 95 -16.95 -2.12 -12.71
C VAL C 95 -17.27 -1.86 -11.19
N GLY C 96 -17.70 -0.64 -10.92
CA GLY C 96 -17.99 -0.20 -9.56
C GLY C 96 -16.97 0.89 -9.34
N ASN C 97 -16.93 1.82 -10.31
CA ASN C 97 -16.00 2.96 -10.39
C ASN C 97 -14.54 2.48 -10.49
N THR C 98 -14.36 1.18 -10.68
CA THR C 98 -13.06 0.53 -10.83
C THR C 98 -13.24 -0.85 -11.49
N LYS C 99 -12.48 -1.15 -12.54
CA LYS C 99 -12.61 -2.43 -13.24
C LYS C 99 -12.15 -3.67 -12.44
N VAL C 100 -12.78 -4.81 -12.73
CA VAL C 100 -12.43 -6.05 -12.07
C VAL C 100 -12.53 -7.27 -12.99
N LEU C 101 -11.45 -8.07 -13.04
CA LEU C 101 -11.42 -9.26 -13.88
C LEU C 101 -11.79 -10.52 -13.13
N GLU C 102 -12.44 -11.46 -13.83
CA GLU C 102 -12.85 -12.75 -13.25
C GLU C 102 -12.41 -13.95 -14.08
N ILE C 103 -11.31 -14.59 -13.69
CA ILE C 103 -10.84 -15.76 -14.41
C ILE C 103 -11.38 -16.95 -13.65
N PRO C 104 -12.00 -17.91 -14.36
CA PRO C 104 -12.57 -19.11 -13.74
C PRO C 104 -11.57 -19.98 -13.01
N LEU C 105 -11.92 -20.42 -11.81
CA LEU C 105 -11.05 -21.30 -11.04
C LEU C 105 -11.51 -22.73 -11.24
N GLU C 106 -10.71 -23.49 -11.99
CA GLU C 106 -11.03 -24.88 -12.31
C GLU C 106 -10.56 -25.89 -11.26
N PRO C 107 -11.48 -26.77 -10.83
CA PRO C 107 -11.12 -27.78 -9.82
C PRO C 107 -10.10 -28.69 -10.49
N LYS C 108 -10.39 -28.99 -11.75
CA LYS C 108 -9.59 -29.84 -12.61
C LYS C 108 -8.11 -29.49 -12.51
N ASN C 109 -7.82 -28.22 -12.26
CA ASN C 109 -6.44 -27.80 -12.17
C ASN C 109 -6.00 -27.60 -10.72
N ASN C 110 -6.80 -28.10 -9.78
CA ASN C 110 -6.48 -28.00 -8.35
C ASN C 110 -6.79 -26.60 -7.79
N MET C 111 -7.78 -25.92 -8.39
CA MET C 111 -8.17 -24.57 -7.96
C MET C 111 -7.00 -23.58 -8.03
N ARG C 112 -6.13 -23.82 -9.00
CA ARG C 112 -4.94 -23.01 -9.25
C ARG C 112 -5.20 -22.17 -10.50
N ALA C 113 -4.75 -20.92 -10.47
CA ALA C 113 -4.97 -20.04 -11.62
C ALA C 113 -3.73 -19.27 -12.03
N THR C 114 -3.38 -19.41 -13.30
CA THR C 114 -2.21 -18.73 -13.84
C THR C 114 -2.69 -17.38 -14.41
N ILE C 115 -2.27 -16.30 -13.78
CA ILE C 115 -2.68 -14.97 -14.21
C ILE C 115 -1.82 -14.40 -15.31
N ASP C 116 -2.38 -14.30 -16.51
CA ASP C 116 -1.63 -13.75 -17.63
C ASP C 116 -2.52 -12.97 -18.60
N CYS C 117 -3.54 -12.31 -18.06
CA CYS C 117 -4.44 -11.48 -18.83
C CYS C 117 -4.61 -10.21 -18.01
N ALA C 118 -3.70 -10.04 -17.05
CA ALA C 118 -3.71 -8.91 -16.12
C ALA C 118 -2.68 -7.84 -16.42
N GLY C 119 -3.11 -6.81 -17.13
CA GLY C 119 -2.21 -5.71 -17.44
C GLY C 119 -2.62 -4.56 -16.54
N ILE C 120 -1.89 -3.46 -16.60
CA ILE C 120 -2.27 -2.36 -15.76
C ILE C 120 -2.28 -1.07 -16.55
N LEU C 121 -3.34 -0.31 -16.36
CA LEU C 121 -3.53 0.96 -17.02
C LEU C 121 -3.27 2.05 -15.99
N LYS C 122 -2.79 3.20 -16.46
CA LYS C 122 -2.50 4.35 -15.61
C LYS C 122 -3.41 5.48 -16.10
N LEU C 123 -4.04 6.18 -15.15
CA LEU C 123 -4.92 7.29 -15.50
C LEU C 123 -4.20 8.61 -15.24
N ARG C 124 -4.59 9.66 -15.96
CA ARG C 124 -3.97 10.95 -15.75
C ARG C 124 -4.34 11.37 -14.35
N ASN C 125 -3.33 11.82 -13.62
CA ASN C 125 -3.53 12.27 -12.25
C ASN C 125 -4.60 13.38 -12.17
N ALA C 126 -4.39 14.47 -12.91
CA ALA C 126 -5.36 15.56 -12.87
C ALA C 126 -6.77 15.03 -13.17
N ASP C 127 -6.88 14.03 -14.03
CA ASP C 127 -8.18 13.46 -14.35
C ASP C 127 -8.91 12.92 -13.11
N ILE C 128 -8.18 12.23 -12.24
CA ILE C 128 -8.78 11.66 -11.05
C ILE C 128 -8.98 12.67 -9.94
N GLU C 129 -7.88 13.32 -9.53
CA GLU C 129 -7.91 14.33 -8.48
C GLU C 129 -9.10 15.28 -8.65
N LEU C 130 -9.77 15.20 -9.79
CA LEU C 130 -10.93 16.05 -10.08
C LEU C 130 -12.17 15.63 -9.31
N ARG C 131 -12.57 14.38 -9.48
CA ARG C 131 -13.76 13.94 -8.80
C ARG C 131 -13.71 14.19 -7.31
N LYS C 132 -14.80 14.78 -6.82
CA LYS C 132 -14.96 15.13 -5.43
C LYS C 132 -15.05 13.85 -4.62
N GLY C 133 -14.30 13.84 -3.51
CA GLY C 133 -14.28 12.68 -2.65
C GLY C 133 -12.86 12.18 -2.52
N GLU C 134 -12.09 12.35 -3.59
CA GLU C 134 -10.69 11.92 -3.60
C GLU C 134 -9.82 12.91 -2.84
N THR C 135 -8.95 12.38 -2.00
CA THR C 135 -8.09 13.22 -1.20
C THR C 135 -6.63 12.87 -1.41
N ASP C 136 -6.38 11.81 -2.18
CA ASP C 136 -5.03 11.37 -2.45
C ASP C 136 -4.46 11.94 -3.73
N ILE C 137 -3.26 12.52 -3.63
CA ILE C 137 -2.61 13.08 -4.81
C ILE C 137 -1.81 11.96 -5.47
N GLY C 138 -1.89 11.88 -6.80
CA GLY C 138 -1.19 10.85 -7.54
C GLY C 138 0.31 11.07 -7.69
N ARG C 139 0.73 12.33 -7.66
CA ARG C 139 2.15 12.62 -7.79
C ARG C 139 2.96 11.74 -6.86
N LYS C 140 4.01 11.12 -7.42
CA LYS C 140 4.90 10.26 -6.63
C LYS C 140 4.19 9.00 -6.13
N ASN C 141 2.89 8.89 -6.37
CA ASN C 141 2.12 7.75 -5.88
C ASN C 141 1.96 6.74 -6.98
N THR C 142 2.94 5.87 -7.10
CA THR C 142 2.88 4.93 -8.21
C THR C 142 2.93 3.45 -7.90
N ARG C 143 2.74 3.07 -6.63
CA ARG C 143 2.82 1.65 -6.27
C ARG C 143 1.50 0.91 -6.19
N VAL C 144 1.54 -0.38 -6.44
CA VAL C 144 0.34 -1.18 -6.49
C VAL C 144 0.45 -2.63 -6.04
N ARG C 145 -0.70 -3.27 -5.85
CA ARG C 145 -0.78 -4.67 -5.49
C ARG C 145 -1.94 -5.24 -6.24
N LEU C 146 -1.81 -6.48 -6.70
CA LEU C 146 -2.87 -7.18 -7.44
C LEU C 146 -3.73 -7.83 -6.37
N VAL C 147 -4.99 -7.47 -6.32
CA VAL C 147 -5.87 -8.03 -5.31
C VAL C 147 -6.78 -9.10 -5.89
N PHE C 148 -6.87 -10.25 -5.24
CA PHE C 148 -7.72 -11.36 -5.72
C PHE C 148 -8.71 -11.83 -4.67
N ARG C 149 -9.95 -12.05 -5.10
CA ARG C 149 -11.03 -12.52 -4.23
C ARG C 149 -11.77 -13.73 -4.76
N VAL C 150 -12.43 -14.43 -3.84
CA VAL C 150 -13.27 -15.59 -4.17
C VAL C 150 -14.39 -15.70 -3.16
N HIS C 151 -15.56 -16.02 -3.68
CA HIS C 151 -16.75 -16.17 -2.87
C HIS C 151 -17.17 -17.62 -2.92
N ILE C 152 -16.98 -18.32 -1.82
CA ILE C 152 -17.32 -19.73 -1.75
C ILE C 152 -18.72 -19.95 -1.23
N PRO C 153 -19.67 -20.33 -2.11
CA PRO C 153 -21.05 -20.57 -1.67
C PRO C 153 -21.04 -21.89 -0.91
N GLU C 154 -21.77 -21.99 0.18
CA GLU C 154 -21.78 -23.24 0.94
C GLU C 154 -23.08 -24.02 0.85
N SER C 155 -23.03 -25.24 1.37
CA SER C 155 -24.18 -26.14 1.38
C SER C 155 -25.27 -25.55 2.27
N SER C 156 -24.84 -24.63 3.14
CA SER C 156 -25.75 -23.96 4.06
C SER C 156 -26.24 -22.67 3.43
N GLY C 157 -25.77 -22.40 2.21
CA GLY C 157 -26.17 -21.21 1.49
C GLY C 157 -25.35 -19.99 1.85
N ARG C 158 -24.29 -20.20 2.62
CA ARG C 158 -23.44 -19.11 3.06
C ARG C 158 -22.33 -18.78 2.07
N ILE C 159 -21.78 -17.58 2.22
CA ILE C 159 -20.72 -17.11 1.35
C ILE C 159 -19.47 -16.74 2.13
N VAL C 160 -18.50 -17.65 2.16
CA VAL C 160 -17.25 -17.40 2.84
C VAL C 160 -16.45 -16.67 1.79
N SER C 161 -16.22 -15.38 2.00
CA SER C 161 -15.49 -14.61 1.02
C SER C 161 -14.03 -14.42 1.39
N LEU C 162 -13.16 -14.77 0.46
CA LEU C 162 -11.74 -14.64 0.65
C LEU C 162 -11.09 -13.59 -0.23
N GLN C 163 -9.88 -13.18 0.15
CA GLN C 163 -9.15 -12.18 -0.61
C GLN C 163 -7.67 -12.16 -0.26
N THR C 164 -6.84 -11.87 -1.26
CA THR C 164 -5.41 -11.79 -1.03
C THR C 164 -4.81 -10.74 -1.94
N ALA C 165 -3.68 -10.18 -1.53
CA ALA C 165 -3.02 -9.18 -2.34
C ALA C 165 -1.55 -9.52 -2.50
N SER C 166 -1.00 -9.25 -3.69
CA SER C 166 0.40 -9.52 -3.99
C SER C 166 1.32 -8.55 -3.27
N ASN C 167 2.62 -8.63 -3.57
CA ASN C 167 3.62 -7.76 -2.98
C ASN C 167 3.50 -6.43 -3.74
N PRO C 168 3.93 -5.33 -3.12
CA PRO C 168 3.80 -4.08 -3.86
C PRO C 168 4.45 -4.19 -5.25
N ILE C 169 4.03 -3.35 -6.18
CA ILE C 169 4.59 -3.33 -7.53
C ILE C 169 4.75 -1.88 -7.99
N GLU C 170 5.90 -1.55 -8.56
CA GLU C 170 6.13 -0.19 -9.02
C GLU C 170 5.69 -0.12 -10.47
N CYS C 171 5.00 0.95 -10.85
CA CYS C 171 4.51 1.08 -12.22
C CYS C 171 5.20 2.24 -12.92
N SER C 172 5.78 3.13 -12.12
CA SER C 172 6.46 4.28 -12.66
C SER C 172 7.83 3.96 -13.23
N GLN C 173 7.92 4.08 -14.56
CA GLN C 173 9.15 3.86 -15.33
C GLN C 173 10.36 4.47 -14.61
N ARG C 174 10.25 5.76 -14.33
CA ARG C 174 11.33 6.47 -13.67
C ARG C 174 11.54 5.92 -12.27
N SER C 175 10.48 5.92 -11.46
CA SER C 175 10.53 5.43 -10.08
C SER C 175 11.17 4.07 -9.97
N ALA C 176 10.78 3.17 -10.86
CA ALA C 176 11.33 1.80 -10.88
C ALA C 176 12.84 1.83 -11.05
N HIS C 177 13.37 2.91 -11.58
CA HIS C 177 14.80 3.01 -11.80
C HIS C 177 15.46 3.79 -10.68
N GLU C 178 14.77 4.82 -10.21
CA GLU C 178 15.29 5.72 -9.19
C GLU C 178 15.11 5.27 -7.72
N LEU C 179 13.86 5.06 -7.33
CA LEU C 179 13.55 4.65 -5.97
C LEU C 179 14.05 3.25 -5.63
N PRO C 180 14.79 3.12 -4.50
CA PRO C 180 15.35 1.85 -4.02
C PRO C 180 14.21 1.05 -3.42
N MET C 181 14.40 -0.21 -3.06
CA MET C 181 13.28 -0.91 -2.47
C MET C 181 13.63 -2.26 -1.87
N VAL C 182 13.30 -2.41 -0.59
CA VAL C 182 13.59 -3.65 0.12
C VAL C 182 12.53 -4.69 -0.16
N GLU C 183 12.94 -5.93 -0.32
CA GLU C 183 12.01 -7.02 -0.60
C GLU C 183 12.20 -8.13 0.41
N ARG C 184 13.32 -8.08 1.12
CA ARG C 184 13.66 -9.07 2.13
C ARG C 184 14.56 -8.48 3.18
N GLN C 185 14.21 -8.70 4.45
CA GLN C 185 15.06 -8.26 5.53
C GLN C 185 15.42 -9.50 6.34
N ASP C 186 16.71 -9.57 6.66
CA ASP C 186 17.36 -10.63 7.41
C ASP C 186 16.78 -10.84 8.82
N THR C 187 16.42 -9.75 9.47
CA THR C 187 15.89 -9.82 10.83
C THR C 187 14.69 -8.89 10.99
N ASP C 188 13.72 -9.29 11.80
CA ASP C 188 12.52 -8.51 12.04
C ASP C 188 12.53 -7.80 13.40
N SER C 189 13.42 -8.24 14.28
CA SER C 189 13.52 -7.64 15.61
C SER C 189 14.84 -8.02 16.27
N CYS C 190 15.06 -7.48 17.47
CA CYS C 190 16.25 -7.73 18.27
C CYS C 190 16.10 -6.86 19.50
N LEU C 191 17.00 -6.97 20.47
CA LEU C 191 16.82 -6.16 21.66
C LEU C 191 17.54 -4.82 21.71
N VAL C 192 16.97 -3.93 22.51
CA VAL C 192 17.43 -2.58 22.72
C VAL C 192 18.85 -2.21 22.41
N TYR C 193 19.78 -3.10 22.71
CA TYR C 193 21.20 -2.81 22.49
C TYR C 193 21.60 -2.65 21.03
N GLY C 194 20.93 -3.39 20.16
CA GLY C 194 21.26 -3.30 18.75
C GLY C 194 22.67 -3.80 18.53
N GLY C 195 23.34 -3.26 17.51
CA GLY C 195 24.70 -3.65 17.22
C GLY C 195 24.78 -5.02 16.58
N GLN C 196 23.78 -5.33 15.75
CA GLN C 196 23.74 -6.62 15.07
C GLN C 196 23.53 -6.42 13.57
N GLN C 197 24.16 -7.27 12.78
CA GLN C 197 24.03 -7.11 11.34
C GLN C 197 22.75 -7.69 10.78
N MET C 198 22.03 -6.84 10.07
CA MET C 198 20.80 -7.21 9.40
C MET C 198 21.09 -7.12 7.90
N ILE C 199 20.80 -8.20 7.18
CA ILE C 199 21.03 -8.22 5.74
C ILE C 199 19.75 -7.78 5.08
N LEU C 200 19.86 -6.71 4.32
CA LEU C 200 18.70 -6.14 3.64
C LEU C 200 18.82 -6.45 2.15
N THR C 201 17.85 -7.15 1.58
CA THR C 201 17.89 -7.47 0.16
C THR C 201 16.82 -6.72 -0.62
N GLY C 202 17.22 -6.00 -1.66
CA GLY C 202 16.26 -5.25 -2.46
C GLY C 202 16.86 -4.77 -3.77
N GLN C 203 16.27 -3.74 -4.36
CA GLN C 203 16.79 -3.20 -5.62
C GLN C 203 17.06 -1.71 -5.60
N ASN C 204 18.04 -1.32 -6.41
CA ASN C 204 18.45 0.07 -6.53
C ASN C 204 19.27 0.58 -5.38
N PHE C 205 20.04 -0.32 -4.76
CA PHE C 205 20.90 0.09 -3.66
C PHE C 205 22.19 0.55 -4.32
N THR C 206 22.64 1.74 -3.92
CA THR C 206 23.84 2.30 -4.48
C THR C 206 24.88 2.48 -3.38
N SER C 207 25.68 3.53 -3.51
CA SER C 207 26.73 3.82 -2.55
C SER C 207 26.37 5.14 -1.88
N GLU C 208 25.19 5.63 -2.22
CA GLU C 208 24.68 6.87 -1.65
C GLU C 208 23.63 6.43 -0.64
N SER C 209 23.30 5.14 -0.70
CA SER C 209 22.30 4.53 0.18
C SER C 209 22.62 4.68 1.66
N LYS C 210 21.65 5.22 2.38
CA LYS C 210 21.78 5.37 3.82
C LYS C 210 20.54 4.70 4.36
N VAL C 211 20.61 4.15 5.57
CA VAL C 211 19.45 3.53 6.15
C VAL C 211 19.04 4.27 7.40
N VAL C 212 17.81 4.79 7.42
CA VAL C 212 17.33 5.56 8.56
C VAL C 212 16.35 4.78 9.40
N PHE C 213 16.32 5.09 10.69
CA PHE C 213 15.42 4.42 11.62
C PHE C 213 14.48 5.42 12.27
N THR C 214 13.20 5.06 12.33
CA THR C 214 12.23 5.96 12.91
C THR C 214 11.29 5.41 14.00
N GLU C 215 10.82 6.33 14.83
CA GLU C 215 9.90 6.06 15.93
C GLU C 215 8.76 7.05 15.70
N LYS C 216 7.53 6.56 15.65
CA LYS C 216 6.39 7.46 15.44
C LYS C 216 5.25 7.12 16.40
N THR C 217 4.44 8.11 16.76
CA THR C 217 3.31 7.86 17.66
C THR C 217 2.05 7.54 16.86
N THR C 218 1.00 7.05 17.51
CA THR C 218 -0.23 6.77 16.79
C THR C 218 -0.70 8.14 16.31
N ASP C 219 -0.07 9.16 16.89
CA ASP C 219 -0.33 10.57 16.64
C ASP C 219 0.29 10.95 15.29
N GLY C 220 1.04 10.01 14.72
CA GLY C 220 1.69 10.24 13.43
C GLY C 220 2.90 11.15 13.54
N GLN C 221 3.41 11.34 14.75
CA GLN C 221 4.55 12.22 14.93
C GLN C 221 5.87 11.46 15.07
N GLN C 222 6.89 11.92 14.34
CA GLN C 222 8.23 11.33 14.40
C GLN C 222 8.82 11.65 15.77
N ILE C 223 9.22 10.60 16.49
CA ILE C 223 9.75 10.81 17.82
C ILE C 223 11.23 10.54 17.85
N TRP C 224 11.67 9.69 16.94
CA TRP C 224 13.07 9.30 16.87
C TRP C 224 13.58 9.04 15.48
N GLU C 225 14.83 9.42 15.24
CA GLU C 225 15.46 9.24 13.94
C GLU C 225 16.91 8.85 14.19
N MET C 226 17.30 7.68 13.74
CA MET C 226 18.68 7.25 13.92
C MET C 226 19.21 6.59 12.68
N GLU C 227 20.38 7.04 12.22
CA GLU C 227 20.98 6.48 11.03
C GLU C 227 21.85 5.30 11.40
N ALA C 228 21.72 4.21 10.65
CA ALA C 228 22.50 3.02 10.90
C ALA C 228 23.73 3.05 10.01
N THR C 229 24.80 2.39 10.45
CA THR C 229 26.01 2.35 9.66
C THR C 229 26.09 1.11 8.78
N VAL C 230 25.76 1.26 7.51
CA VAL C 230 25.79 0.16 6.54
C VAL C 230 27.18 -0.04 5.95
N ASP C 231 27.70 -1.28 6.02
CA ASP C 231 29.03 -1.59 5.51
C ASP C 231 29.16 -1.24 4.03
N LYS C 232 29.60 -0.02 3.77
CA LYS C 232 29.79 0.48 2.42
C LYS C 232 31.24 0.25 1.95
N ASP C 233 31.97 -0.62 2.64
CA ASP C 233 33.36 -0.93 2.28
C ASP C 233 33.36 -1.79 1.03
N LYS C 234 32.61 -2.88 1.11
CA LYS C 234 32.48 -3.82 0.01
C LYS C 234 31.20 -4.58 0.25
N SER C 235 30.57 -5.05 -0.83
CA SER C 235 29.33 -5.78 -0.71
C SER C 235 28.94 -6.40 -2.05
N GLN C 236 27.77 -7.03 -2.07
CA GLN C 236 27.24 -7.66 -3.28
C GLN C 236 26.54 -6.61 -4.11
N PRO C 237 25.89 -7.01 -5.20
CA PRO C 237 25.21 -6.02 -6.03
C PRO C 237 24.08 -5.29 -5.30
N ASN C 238 22.91 -5.93 -5.25
CA ASN C 238 21.75 -5.34 -4.61
C ASN C 238 21.35 -5.93 -3.26
N MET C 239 22.05 -5.50 -2.22
CA MET C 239 21.79 -5.89 -0.85
C MET C 239 22.75 -5.17 0.09
N LEU C 240 22.16 -4.45 1.04
CA LEU C 240 22.88 -3.68 2.02
C LEU C 240 23.09 -4.49 3.28
N PHE C 241 24.22 -4.25 3.95
CA PHE C 241 24.55 -4.92 5.20
C PHE C 241 24.40 -3.85 6.26
N VAL C 242 23.34 -3.96 7.05
CA VAL C 242 23.04 -2.95 8.05
C VAL C 242 23.34 -3.36 9.47
N GLU C 243 23.96 -2.44 10.20
CA GLU C 243 24.29 -2.67 11.59
C GLU C 243 23.16 -2.00 12.35
N ILE C 244 22.31 -2.82 12.99
CA ILE C 244 21.18 -2.29 13.76
C ILE C 244 21.63 -1.33 14.84
N PRO C 245 21.02 -0.16 14.90
CA PRO C 245 21.43 0.78 15.93
C PRO C 245 20.78 0.52 17.27
N GLU C 246 21.38 1.08 18.31
CA GLU C 246 20.87 0.94 19.67
C GLU C 246 19.60 1.80 19.73
N TYR C 247 18.64 1.38 20.53
CA TYR C 247 17.40 2.13 20.67
C TYR C 247 17.59 3.29 21.65
N ARG C 248 16.83 4.36 21.49
CA ARG C 248 16.99 5.50 22.39
C ARG C 248 16.87 5.11 23.86
N ASN C 249 15.72 4.63 24.28
CA ASN C 249 15.50 4.24 25.66
C ASN C 249 15.72 2.74 25.85
N LYS C 250 16.94 2.40 26.25
CA LYS C 250 17.32 1.01 26.46
C LYS C 250 16.63 0.41 27.68
N HIS C 251 15.96 1.26 28.46
CA HIS C 251 15.28 0.84 29.67
C HIS C 251 13.82 0.42 29.50
N ILE C 252 13.36 0.35 28.26
CA ILE C 252 11.97 -0.05 28.01
C ILE C 252 11.68 -1.37 28.68
N ARG C 253 10.40 -1.60 28.99
CA ARG C 253 10.02 -2.85 29.60
C ARG C 253 9.03 -3.61 28.72
N THR C 254 8.64 -2.98 27.62
CA THR C 254 7.70 -3.57 26.67
C THR C 254 8.23 -3.29 25.25
N PRO C 255 8.05 -4.26 24.34
CA PRO C 255 8.50 -4.16 22.94
C PRO C 255 7.99 -2.91 22.25
N VAL C 256 8.88 -2.25 21.51
CA VAL C 256 8.56 -1.05 20.74
C VAL C 256 8.55 -1.39 19.24
N LYS C 257 7.70 -0.73 18.48
CA LYS C 257 7.64 -0.98 17.04
C LYS C 257 8.25 0.25 16.38
N VAL C 258 9.21 0.00 15.51
CA VAL C 258 9.91 1.05 14.79
C VAL C 258 9.93 0.78 13.31
N ASN C 259 10.42 1.76 12.56
CA ASN C 259 10.53 1.63 11.13
C ASN C 259 11.91 2.07 10.73
N PHE C 260 12.31 1.60 9.56
CA PHE C 260 13.58 1.98 8.99
C PHE C 260 13.32 1.98 7.50
N TYR C 261 14.09 2.78 6.78
CA TYR C 261 13.96 2.87 5.33
C TYR C 261 15.33 3.17 4.74
N VAL C 262 15.47 2.92 3.44
CA VAL C 262 16.72 3.17 2.71
C VAL C 262 16.52 4.44 1.90
N ILE C 263 17.51 5.33 1.90
CA ILE C 263 17.38 6.56 1.14
C ILE C 263 18.62 6.90 0.29
N ASN C 264 18.40 7.31 -0.96
CA ASN C 264 19.49 7.69 -1.87
C ASN C 264 19.19 9.10 -2.35
N GLY C 265 19.36 10.10 -1.49
CA GLY C 265 19.05 11.45 -1.90
C GLY C 265 17.70 11.89 -1.38
N LYS C 266 17.60 13.19 -1.08
CA LYS C 266 16.38 13.78 -0.54
C LYS C 266 15.07 13.12 -0.94
N ARG C 267 14.79 13.08 -2.23
CA ARG C 267 13.53 12.51 -2.70
C ARG C 267 13.60 11.10 -3.22
N LYS C 268 14.60 10.34 -2.81
CA LYS C 268 14.69 8.95 -3.25
C LYS C 268 14.79 8.04 -2.03
N ARG C 269 13.63 7.74 -1.44
CA ARG C 269 13.58 6.87 -0.27
C ARG C 269 12.66 5.68 -0.47
N SER C 270 12.97 4.60 0.24
CA SER C 270 12.16 3.39 0.16
C SER C 270 10.88 3.52 1.01
N GLN C 271 9.97 2.57 0.87
CA GLN C 271 8.77 2.60 1.67
C GLN C 271 9.19 2.13 3.06
N PRO C 272 8.50 2.62 4.11
CA PRO C 272 8.79 2.26 5.51
C PRO C 272 8.81 0.77 5.81
N GLN C 273 9.92 0.28 6.34
CA GLN C 273 10.03 -1.13 6.68
C GLN C 273 9.77 -1.29 8.17
N HIS C 274 9.30 -2.47 8.56
CA HIS C 274 8.98 -2.73 9.93
C HIS C 274 10.08 -3.38 10.74
N PHE C 275 10.17 -3.02 12.03
CA PHE C 275 11.17 -3.61 12.89
C PHE C 275 10.76 -3.39 14.33
N THR C 276 11.17 -4.30 15.21
CA THR C 276 10.84 -4.17 16.63
C THR C 276 11.99 -4.51 17.59
N TYR C 277 12.11 -3.69 18.63
CA TYR C 277 13.12 -3.87 19.68
C TYR C 277 12.48 -4.49 20.92
N HIS C 278 13.13 -5.49 21.49
CA HIS C 278 12.61 -6.14 22.70
C HIS C 278 13.32 -5.72 23.99
N PRO C 279 12.58 -5.69 25.12
CA PRO C 279 13.18 -5.28 26.40
C PRO C 279 14.20 -6.29 26.87
N VAL C 280 15.00 -5.89 27.84
CA VAL C 280 16.02 -6.78 28.38
C VAL C 280 15.64 -7.13 29.81
N ARG D 1 20.65 46.92 3.26
CA ARG D 1 19.23 46.50 3.14
C ARG D 1 19.03 45.34 2.15
N ARG D 2 19.91 44.36 2.17
CA ARG D 2 19.76 43.21 1.30
C ARG D 2 19.27 42.14 2.28
N ILE D 3 19.46 42.43 3.56
CA ILE D 3 19.02 41.56 4.65
C ILE D 3 17.54 41.37 4.42
N ARG D 4 16.90 42.45 4.00
CA ARG D 4 15.48 42.45 3.70
C ARG D 4 15.14 41.14 3.01
N ARG D 5 16.02 40.70 2.10
CA ARG D 5 15.81 39.46 1.34
C ARG D 5 16.04 38.23 2.20
N GLU D 6 17.10 38.26 3.00
CA GLU D 6 17.44 37.17 3.89
C GLU D 6 16.24 36.85 4.76
N ARG D 7 15.62 37.89 5.33
CA ARG D 7 14.46 37.71 6.19
C ARG D 7 13.22 37.27 5.39
N ASN D 8 12.82 38.04 4.38
CA ASN D 8 11.64 37.66 3.58
C ASN D 8 11.80 36.21 3.13
N LYS D 9 13.07 35.77 3.03
CA LYS D 9 13.41 34.41 2.65
C LYS D 9 12.75 33.50 3.69
N MET D 10 13.12 33.70 4.95
CA MET D 10 12.57 32.90 6.02
C MET D 10 11.07 33.14 6.12
N ALA D 11 10.68 34.40 6.00
CA ALA D 11 9.26 34.73 6.09
C ALA D 11 8.49 33.76 5.18
N ALA D 12 8.90 33.69 3.92
CA ALA D 12 8.24 32.81 2.95
C ALA D 12 8.36 31.36 3.39
N ALA D 13 9.59 30.96 3.70
CA ALA D 13 9.85 29.61 4.14
C ALA D 13 8.92 29.24 5.28
N LYS D 14 8.81 30.15 6.26
CA LYS D 14 7.98 29.90 7.44
C LYS D 14 6.63 29.47 6.95
N CYS D 15 5.89 30.44 6.41
CA CYS D 15 4.54 30.21 5.88
C CYS D 15 4.40 28.91 5.11
N ARG D 16 5.36 28.62 4.25
CA ARG D 16 5.32 27.39 3.47
C ARG D 16 5.40 26.16 4.36
N ASN D 17 6.29 26.17 5.35
CA ASN D 17 6.44 25.03 6.26
C ASN D 17 5.15 24.84 7.01
N ARG D 18 4.53 25.96 7.40
CA ARG D 18 3.26 25.95 8.10
C ARG D 18 2.21 25.16 7.30
N ARG D 19 1.93 25.59 6.07
CA ARG D 19 0.94 24.89 5.24
C ARG D 19 1.26 23.42 4.96
N ARG D 20 2.53 23.05 5.06
CA ARG D 20 2.92 21.66 4.83
C ARG D 20 2.63 20.85 6.10
N GLU D 21 3.29 21.21 7.20
CA GLU D 21 3.09 20.50 8.46
C GLU D 21 1.59 20.33 8.72
N LEU D 22 0.82 21.38 8.45
CA LEU D 22 -0.62 21.30 8.66
C LEU D 22 -1.21 20.15 7.84
N THR D 23 -1.00 20.19 6.54
CA THR D 23 -1.51 19.14 5.67
C THR D 23 -0.93 17.76 5.96
N ASP D 24 0.32 17.68 6.39
CA ASP D 24 0.85 16.37 6.69
C ASP D 24 0.03 15.83 7.86
N THR D 25 -0.07 16.62 8.93
CA THR D 25 -0.86 16.21 10.10
C THR D 25 -2.21 15.67 9.67
N LEU D 26 -2.92 16.45 8.87
CA LEU D 26 -4.22 16.02 8.39
C LEU D 26 -4.13 14.67 7.70
N GLN D 27 -3.13 14.52 6.84
CA GLN D 27 -2.99 13.26 6.14
C GLN D 27 -2.81 12.17 7.16
N ALA D 28 -2.05 12.46 8.21
CA ALA D 28 -1.82 11.51 9.30
C ALA D 28 -3.18 11.12 9.91
N GLU D 29 -3.89 12.12 10.41
CA GLU D 29 -5.20 11.94 11.01
C GLU D 29 -6.13 11.04 10.18
N THR D 30 -6.42 11.42 8.95
CA THR D 30 -7.31 10.59 8.14
C THR D 30 -6.78 9.16 8.04
N ASP D 31 -5.51 9.02 7.73
CA ASP D 31 -4.91 7.69 7.61
C ASP D 31 -5.14 6.86 8.85
N GLN D 32 -4.93 7.47 10.02
CA GLN D 32 -5.16 6.73 11.25
C GLN D 32 -6.64 6.36 11.37
N LEU D 33 -7.55 7.32 11.18
CA LEU D 33 -8.97 7.03 11.31
C LEU D 33 -9.39 5.89 10.42
N GLU D 34 -8.78 5.81 9.26
CA GLU D 34 -9.13 4.73 8.35
C GLU D 34 -8.67 3.43 9.01
N ASP D 35 -7.56 3.53 9.74
CA ASP D 35 -6.99 2.40 10.47
C ASP D 35 -8.08 1.94 11.41
N GLU D 36 -8.44 2.83 12.32
CA GLU D 36 -9.49 2.58 13.30
C GLU D 36 -10.75 2.03 12.64
N LYS D 37 -11.23 2.70 11.59
CA LYS D 37 -12.44 2.23 10.93
C LYS D 37 -12.35 0.78 10.47
N SER D 38 -11.28 0.42 9.78
CA SER D 38 -11.20 -0.97 9.32
C SER D 38 -11.19 -1.96 10.47
N ALA D 39 -10.50 -1.59 11.55
CA ALA D 39 -10.43 -2.46 12.70
C ALA D 39 -11.85 -2.79 13.19
N LEU D 40 -12.71 -1.78 13.27
CA LEU D 40 -14.08 -1.98 13.70
C LEU D 40 -14.73 -2.92 12.71
N GLN D 41 -14.64 -2.57 11.44
CA GLN D 41 -15.23 -3.40 10.39
C GLN D 41 -14.84 -4.87 10.48
N THR D 42 -13.55 -5.17 10.67
CA THR D 42 -13.15 -6.57 10.75
C THR D 42 -13.74 -7.16 12.03
N GLU D 43 -13.77 -6.36 13.09
CA GLU D 43 -14.30 -6.85 14.35
C GLU D 43 -15.75 -7.22 14.09
N ILE D 44 -16.51 -6.23 13.65
CA ILE D 44 -17.93 -6.42 13.36
C ILE D 44 -18.18 -7.67 12.54
N ALA D 45 -17.30 -7.97 11.60
CA ALA D 45 -17.48 -9.15 10.77
C ALA D 45 -17.12 -10.40 11.56
N ASN D 46 -16.25 -10.24 12.56
CA ASN D 46 -15.85 -11.35 13.39
C ASN D 46 -16.99 -11.69 14.33
N LEU D 47 -17.72 -10.68 14.78
CA LEU D 47 -18.83 -10.93 15.67
C LEU D 47 -20.01 -11.56 14.93
N LEU D 48 -20.20 -11.16 13.68
CA LEU D 48 -21.28 -11.71 12.88
C LEU D 48 -21.01 -13.17 12.55
N LYS D 49 -19.74 -13.54 12.47
CA LYS D 49 -19.38 -14.92 12.20
C LYS D 49 -19.60 -15.68 13.49
N GLU D 50 -19.17 -15.07 14.59
CA GLU D 50 -19.30 -15.61 15.94
C GLU D 50 -20.78 -15.84 16.25
N LYS D 51 -21.57 -14.78 16.11
CA LYS D 51 -23.01 -14.82 16.37
C LYS D 51 -23.68 -15.98 15.68
N GLU D 52 -23.85 -15.89 14.37
CA GLU D 52 -24.48 -16.96 13.61
C GLU D 52 -23.69 -18.26 13.73
N LYS D 53 -23.86 -18.97 14.84
CA LYS D 53 -23.18 -20.24 15.04
C LYS D 53 -23.74 -21.23 14.04
N ARG E 1 7.09 34.72 -25.08
CA ARG E 1 7.89 33.83 -24.14
C ARG E 1 6.92 33.00 -23.33
N LYS E 2 7.22 31.71 -23.21
CA LYS E 2 6.39 30.70 -22.53
C LYS E 2 5.84 30.87 -21.13
N ARG E 3 6.11 32.00 -20.49
CA ARG E 3 5.66 32.26 -19.12
C ARG E 3 4.13 32.20 -18.99
N MET E 4 3.43 32.52 -20.06
CA MET E 4 1.94 32.51 -20.09
C MET E 4 1.32 31.21 -19.60
N ARG E 5 2.02 30.11 -19.86
CA ARG E 5 1.52 28.80 -19.48
C ARG E 5 1.75 28.46 -18.02
N ASN E 6 2.86 28.95 -17.47
CA ASN E 6 3.21 28.68 -16.08
C ASN E 6 2.24 29.40 -15.14
N ARG E 7 2.05 30.70 -15.34
CA ARG E 7 1.14 31.44 -14.49
C ARG E 7 -0.12 30.60 -14.31
N ILE E 8 -0.48 29.85 -15.34
CA ILE E 8 -1.68 29.02 -15.30
C ILE E 8 -1.47 27.80 -14.43
N ALA E 9 -0.28 27.21 -14.52
CA ALA E 9 0.03 26.03 -13.71
C ALA E 9 -0.09 26.41 -12.25
N ALA E 10 0.90 27.16 -11.76
CA ALA E 10 0.91 27.61 -10.36
C ALA E 10 -0.49 27.93 -9.84
N SER E 11 -1.21 28.79 -10.52
CA SER E 11 -2.55 29.15 -10.08
C SER E 11 -3.31 27.87 -9.74
N LYS E 12 -3.28 26.91 -10.65
CA LYS E 12 -3.97 25.65 -10.45
C LYS E 12 -3.34 24.85 -9.32
N CYS E 13 -2.01 24.81 -9.31
CA CYS E 13 -1.27 24.09 -8.29
C CYS E 13 -1.68 24.56 -6.88
N ARG E 14 -1.66 25.88 -6.67
CA ARG E 14 -2.07 26.50 -5.42
C ARG E 14 -3.55 26.21 -5.15
N LYS E 15 -4.42 26.68 -6.04
CA LYS E 15 -5.85 26.40 -5.89
C LYS E 15 -6.00 24.96 -5.39
N ARG E 16 -5.40 23.99 -6.11
CA ARG E 16 -5.48 22.57 -5.75
C ARG E 16 -4.92 22.26 -4.37
N LYS E 17 -3.83 22.93 -3.99
CA LYS E 17 -3.23 22.72 -2.68
C LYS E 17 -4.31 22.89 -1.61
N LEU E 18 -5.01 24.02 -1.68
CA LEU E 18 -6.08 24.39 -0.77
C LEU E 18 -7.21 23.34 -0.77
N GLU E 19 -7.85 23.16 -1.92
CA GLU E 19 -8.94 22.18 -2.05
C GLU E 19 -8.59 20.88 -1.33
N ARG E 20 -7.32 20.51 -1.37
CA ARG E 20 -6.86 19.28 -0.72
C ARG E 20 -7.13 19.31 0.78
N ILE E 21 -6.65 20.34 1.45
CA ILE E 21 -6.86 20.52 2.87
C ILE E 21 -8.37 20.50 3.18
N ALA E 22 -9.13 21.31 2.45
CA ALA E 22 -10.58 21.35 2.62
C ALA E 22 -11.15 19.94 2.54
N ARG E 23 -10.81 19.23 1.47
CA ARG E 23 -11.30 17.86 1.28
C ARG E 23 -10.88 16.94 2.42
N LEU E 24 -9.72 17.18 3.01
CA LEU E 24 -9.25 16.34 4.11
C LEU E 24 -10.09 16.52 5.36
N GLU E 25 -10.35 17.79 5.71
CA GLU E 25 -11.16 18.09 6.88
C GLU E 25 -12.52 17.38 6.76
N GLU E 26 -13.23 17.64 5.67
CA GLU E 26 -14.53 17.02 5.47
C GLU E 26 -14.41 15.53 5.69
N LYS E 27 -13.28 14.97 5.31
CA LYS E 27 -13.07 13.53 5.42
C LYS E 27 -12.84 13.06 6.85
N VAL E 28 -12.32 13.98 7.66
CA VAL E 28 -12.08 13.68 9.05
C VAL E 28 -13.45 13.67 9.72
N LYS E 29 -14.25 14.72 9.50
CA LYS E 29 -15.61 14.79 10.06
C LYS E 29 -16.28 13.44 9.75
N THR E 30 -16.42 13.16 8.46
CA THR E 30 -17.02 11.91 7.98
C THR E 30 -16.52 10.67 8.71
N LEU E 31 -15.20 10.54 8.84
CA LEU E 31 -14.65 9.38 9.49
C LEU E 31 -14.91 9.36 10.98
N LYS E 32 -14.65 10.47 11.66
CA LYS E 32 -14.91 10.51 13.08
C LYS E 32 -16.36 10.02 13.24
N ALA E 33 -17.29 10.64 12.51
CA ALA E 33 -18.69 10.26 12.57
C ALA E 33 -18.94 8.77 12.32
N GLN E 34 -18.52 8.27 11.16
CA GLN E 34 -18.70 6.87 10.84
C GLN E 34 -18.20 5.95 11.95
N ASN E 35 -16.95 6.18 12.34
CA ASN E 35 -16.33 5.39 13.37
C ASN E 35 -17.11 5.34 14.66
N SER E 36 -17.65 6.49 15.07
CA SER E 36 -18.46 6.54 16.28
C SER E 36 -19.58 5.52 16.11
N GLU E 37 -20.40 5.70 15.09
CA GLU E 37 -21.51 4.77 14.85
C GLU E 37 -21.06 3.32 14.87
N LEU E 38 -20.00 2.99 14.13
CA LEU E 38 -19.50 1.61 14.07
C LEU E 38 -19.04 1.10 15.42
N ALA E 39 -18.43 2.00 16.19
CA ALA E 39 -17.96 1.67 17.54
C ALA E 39 -19.17 1.14 18.29
N SER E 40 -20.31 1.80 18.10
CA SER E 40 -21.53 1.38 18.75
C SER E 40 -21.97 0.02 18.24
N THR E 41 -22.22 -0.12 16.95
CA THR E 41 -22.63 -1.41 16.42
C THR E 41 -21.74 -2.53 16.95
N ALA E 42 -20.47 -2.21 17.20
CA ALA E 42 -19.57 -3.22 17.73
C ALA E 42 -20.12 -3.67 19.10
N ASN E 43 -20.14 -2.75 20.07
CA ASN E 43 -20.65 -2.99 21.42
C ASN E 43 -21.95 -3.78 21.34
N MET E 44 -22.89 -3.27 20.53
CA MET E 44 -24.20 -3.89 20.32
C MET E 44 -24.05 -5.38 20.09
N LEU E 45 -23.33 -5.76 19.06
CA LEU E 45 -23.14 -7.20 18.79
C LEU E 45 -22.48 -7.88 19.98
N ARG E 46 -21.46 -7.24 20.54
CA ARG E 46 -20.73 -7.79 21.68
C ARG E 46 -21.67 -8.36 22.74
N GLU E 47 -22.52 -7.51 23.31
CA GLU E 47 -23.46 -7.98 24.33
C GLU E 47 -24.21 -9.21 23.81
N GLN E 48 -24.78 -9.08 22.62
CA GLN E 48 -25.55 -10.16 21.99
C GLN E 48 -24.85 -11.52 22.00
N VAL E 49 -23.61 -11.56 21.53
CA VAL E 49 -22.86 -12.80 21.49
C VAL E 49 -22.61 -13.27 22.92
N ALA E 50 -22.51 -12.31 23.83
CA ALA E 50 -22.25 -12.58 25.24
C ALA E 50 -23.50 -13.07 25.95
N GLN E 51 -24.58 -13.20 25.22
CA GLN E 51 -25.83 -13.66 25.81
C GLN E 51 -26.29 -14.89 25.04
N LEU E 52 -25.51 -15.31 24.06
CA LEU E 52 -25.88 -16.50 23.28
C LEU E 52 -25.24 -17.77 23.83
#